data_2RVO
#
_entry.id   2RVO
#
_cell.length_a   1.000
_cell.length_b   1.000
_cell.length_c   1.000
_cell.angle_alpha   90.00
_cell.angle_beta   90.00
_cell.angle_gamma   90.00
#
_symmetry.space_group_name_H-M   'P 1'
#
_entity_poly.entity_id   1
_entity_poly.type   'polyribonucleotide'
_entity_poly.pdbx_seq_one_letter_code
;GGCGCUUUGACACAAUCUACAUUGUAAAAGCGCC
;
_entity_poly.pdbx_strand_id   A
#